data_4BQ9
#
_entry.id   4BQ9
#
_cell.length_a   103.551
_cell.length_b   103.551
_cell.length_c   110.776
_cell.angle_alpha   90.00
_cell.angle_beta   90.00
_cell.angle_gamma   120.00
#
_symmetry.space_group_name_H-M   'P 31 2 1'
#
loop_
_entity.id
_entity.type
_entity.pdbx_description
1 polymer NEOGENIN
2 non-polymer 2-acetamido-2-deoxy-beta-D-glucopyranose
#
_entity_poly.entity_id   1
_entity_poly.type   'polypeptide(L)'
_entity_poly.pdbx_seq_one_letter_code
;ETGTPMMPPVGVQASILSHDTIRITWADNSLPKHQKITDSRYYTVRWKTNIPANTKYKNANATTLSYLVTGLKPNTLYEF
SVMVTKGRRSSTWSMTAHGATFELVPTSPPKDVTVVSKEGKPRTIIVNWQPPSEANGKITGYIIYYSTDVNAEIHDWVIE
PVVGNRLTHQIQELTLDTPYYFKIQARNSKGMGPMSEAVQFRTPGTKHHHHHH
;
_entity_poly.pdbx_strand_id   A,B
#
loop_
_chem_comp.id
_chem_comp.type
_chem_comp.name
_chem_comp.formula
NAG D-saccharide, beta linking 2-acetamido-2-deoxy-beta-D-glucopyranose 'C8 H15 N O6'
#
# COMPACT_ATOMS: atom_id res chain seq x y z
N THR A 4 -23.15 23.35 6.73
CA THR A 4 -21.99 24.14 6.32
C THR A 4 -20.71 23.32 6.46
N PRO A 5 -19.93 23.16 5.35
CA PRO A 5 -18.75 22.27 5.39
C PRO A 5 -17.43 22.67 6.08
N MET A 6 -16.91 21.72 6.89
CA MET A 6 -15.65 21.74 7.66
C MET A 6 -14.38 21.34 6.87
N MET A 7 -13.24 21.96 7.18
CA MET A 7 -11.96 21.64 6.55
C MET A 7 -11.38 20.32 7.18
N PRO A 8 -10.82 19.39 6.38
CA PRO A 8 -10.40 18.10 6.96
C PRO A 8 -9.09 18.16 7.73
N PRO A 9 -8.77 17.13 8.55
CA PRO A 9 -7.47 17.13 9.23
C PRO A 9 -6.29 17.11 8.26
N VAL A 10 -5.17 17.69 8.72
CA VAL A 10 -3.95 17.83 7.94
C VAL A 10 -2.77 17.15 8.66
N GLY A 11 -1.62 17.06 7.99
CA GLY A 11 -0.43 16.45 8.56
C GLY A 11 -0.68 15.15 9.28
N VAL A 12 -1.43 14.23 8.64
CA VAL A 12 -1.74 12.90 9.18
C VAL A 12 -0.46 12.06 9.12
N GLN A 13 -0.07 11.44 10.27
CA GLN A 13 1.14 10.60 10.36
C GLN A 13 0.92 9.33 11.12
N ALA A 14 1.68 8.26 10.76
CA ALA A 14 1.66 6.96 11.42
C ALA A 14 2.96 6.76 12.18
N SER A 15 2.89 6.22 13.39
CA SER A 15 4.05 5.88 14.20
C SER A 15 3.99 4.38 14.54
N ILE A 16 4.98 3.59 14.08
CA ILE A 16 4.95 2.15 14.34
C ILE A 16 5.46 1.86 15.72
N LEU A 17 4.53 1.44 16.58
CA LEU A 17 4.82 1.11 17.98
C LEU A 17 5.19 -0.35 18.20
N SER A 18 4.44 -1.30 17.60
CA SER A 18 4.68 -2.73 17.74
C SER A 18 4.22 -3.53 16.51
N HIS A 19 4.07 -4.86 16.65
CA HIS A 19 3.61 -5.74 15.59
C HIS A 19 2.09 -5.66 15.46
N ASP A 20 1.40 -5.05 16.44
CA ASP A 20 -0.06 -4.93 16.40
C ASP A 20 -0.63 -3.52 16.63
N THR A 21 0.25 -2.52 16.90
CA THR A 21 -0.16 -1.14 17.21
C THR A 21 0.57 -0.08 16.43
N ILE A 22 -0.21 0.92 15.95
CA ILE A 22 0.23 2.10 15.19
C ILE A 22 -0.45 3.32 15.79
N ARG A 23 0.33 4.40 16.06
CA ARG A 23 -0.18 5.67 16.56
C ARG A 23 -0.34 6.68 15.41
N ILE A 24 -1.58 7.13 15.22
CA ILE A 24 -1.94 8.13 14.21
C ILE A 24 -2.08 9.49 14.88
N THR A 25 -1.49 10.50 14.27
CA THR A 25 -1.49 11.87 14.77
C THR A 25 -1.71 12.81 13.60
N TRP A 26 -2.41 13.89 13.86
CA TRP A 26 -2.75 14.87 12.84
C TRP A 26 -2.95 16.28 13.44
N ALA A 27 -3.11 17.28 12.57
CA ALA A 27 -3.35 18.67 12.96
C ALA A 27 -4.73 19.11 12.50
N ASP A 28 -5.23 20.21 13.07
CA ASP A 28 -6.51 20.84 12.72
C ASP A 28 -6.27 22.35 12.50
N ASN A 29 -6.31 22.77 11.23
CA ASN A 29 -6.08 24.16 10.85
C ASN A 29 -7.16 25.17 11.26
N SER A 30 -8.27 24.67 11.85
CA SER A 30 -9.37 25.50 12.36
C SER A 30 -9.23 25.71 13.89
N LEU A 31 -8.07 25.28 14.44
CA LEU A 31 -7.66 25.40 15.85
C LEU A 31 -6.37 26.24 15.97
N PRO A 32 -6.18 27.03 17.07
CA PRO A 32 -4.93 27.82 17.19
C PRO A 32 -3.65 26.97 17.22
N LYS A 33 -2.50 27.57 16.82
CA LYS A 33 -1.22 26.85 16.76
C LYS A 33 -0.98 25.83 17.87
N HIS A 34 -1.43 26.14 19.12
CA HIS A 34 -1.37 25.31 20.34
C HIS A 34 -2.28 24.05 20.33
N GLN A 35 -3.29 24.05 19.42
CA GLN A 35 -4.21 22.94 19.15
C GLN A 35 -5.17 22.50 20.27
N LYS A 36 -5.49 23.42 21.19
CA LYS A 36 -6.40 23.15 22.31
C LYS A 36 -7.84 22.93 21.82
N ILE A 37 -8.41 21.73 22.09
CA ILE A 37 -9.80 21.42 21.75
C ILE A 37 -10.69 22.00 22.85
N THR A 38 -11.41 23.07 22.53
CA THR A 38 -12.35 23.71 23.47
C THR A 38 -13.80 23.42 23.07
N ASP A 39 -14.02 23.00 21.80
CA ASP A 39 -15.32 22.72 21.21
C ASP A 39 -15.91 21.35 21.57
N SER A 40 -17.01 20.98 20.88
CA SER A 40 -17.73 19.72 21.00
C SER A 40 -17.22 18.72 19.96
N ARG A 41 -16.32 19.18 19.04
CA ARG A 41 -15.73 18.42 17.94
C ARG A 41 -15.09 17.08 18.27
N TYR A 42 -15.30 16.07 17.38
CA TYR A 42 -14.76 14.72 17.48
C TYR A 42 -14.24 14.19 16.15
N TYR A 43 -13.06 13.58 16.20
CA TYR A 43 -12.42 13.00 15.03
C TYR A 43 -12.78 11.56 14.90
N THR A 44 -12.91 11.09 13.66
CA THR A 44 -13.17 9.70 13.34
C THR A 44 -11.98 9.25 12.50
N VAL A 45 -11.37 8.11 12.90
CA VAL A 45 -10.22 7.54 12.21
C VAL A 45 -10.68 6.24 11.57
N ARG A 46 -10.34 6.04 10.30
CA ARG A 46 -10.64 4.81 9.58
C ARG A 46 -9.33 4.19 9.11
N TRP A 47 -9.31 2.88 8.95
CA TRP A 47 -8.15 2.15 8.50
C TRP A 47 -8.52 0.83 7.86
N LYS A 48 -7.72 0.42 6.90
CA LYS A 48 -7.88 -0.84 6.19
C LYS A 48 -6.49 -1.29 5.72
N THR A 49 -6.36 -2.57 5.41
CA THR A 49 -5.10 -3.08 4.89
C THR A 49 -5.05 -2.61 3.43
N ASN A 50 -3.90 -2.05 3.02
CA ASN A 50 -3.61 -1.53 1.69
C ASN A 50 -4.04 -2.52 0.57
N ILE A 51 -3.71 -3.81 0.72
CA ILE A 51 -4.12 -4.88 -0.21
C ILE A 51 -4.95 -5.98 0.51
N PRO A 52 -6.11 -6.41 -0.08
CA PRO A 52 -6.71 -6.07 -1.39
C PRO A 52 -7.25 -4.63 -1.40
N ALA A 53 -7.55 -4.05 -2.59
CA ALA A 53 -8.09 -2.68 -2.64
C ALA A 53 -9.48 -2.60 -1.96
N ASN A 54 -10.37 -3.58 -2.28
CA ASN A 54 -11.72 -3.71 -1.72
C ASN A 54 -11.77 -4.60 -0.46
N THR A 55 -11.40 -3.97 0.67
CA THR A 55 -11.39 -4.45 2.04
C THR A 55 -12.26 -3.42 2.76
N LYS A 56 -12.92 -3.80 3.89
CA LYS A 56 -13.75 -2.83 4.62
C LYS A 56 -12.94 -2.01 5.62
N TYR A 57 -13.23 -0.71 5.71
CA TYR A 57 -12.61 0.21 6.65
C TYR A 57 -13.12 -0.07 8.05
N LYS A 58 -12.21 -0.20 9.01
CA LYS A 58 -12.56 -0.33 10.42
C LYS A 58 -12.47 1.13 10.89
N ASN A 59 -13.17 1.53 11.95
CA ASN A 59 -13.07 2.92 12.43
C ASN A 59 -13.26 3.12 13.92
N ALA A 60 -12.93 4.35 14.40
CA ALA A 60 -12.98 4.73 15.80
C ALA A 60 -13.06 6.22 15.96
N ASN A 61 -13.60 6.67 17.12
CA ASN A 61 -13.74 8.09 17.47
C ASN A 61 -12.76 8.53 18.57
N ALA A 62 -12.21 9.77 18.43
CA ALA A 62 -11.27 10.38 19.37
C ALA A 62 -11.56 11.86 19.59
N THR A 63 -11.40 12.31 20.86
CA THR A 63 -11.61 13.70 21.30
C THR A 63 -10.25 14.39 21.38
N THR A 64 -9.21 13.65 21.00
CA THR A 64 -7.81 14.06 20.95
C THR A 64 -7.24 14.03 19.49
N LEU A 65 -6.12 14.76 19.26
CA LEU A 65 -5.43 14.87 17.97
C LEU A 65 -4.36 13.78 17.77
N SER A 66 -4.72 12.56 18.19
CA SER A 66 -3.96 11.29 18.09
C SER A 66 -4.89 10.10 18.36
N TYR A 67 -4.58 8.93 17.82
CA TYR A 67 -5.31 7.68 18.06
C TYR A 67 -4.39 6.49 17.91
N LEU A 68 -4.53 5.56 18.86
CA LEU A 68 -3.75 4.34 18.99
C LEU A 68 -4.52 3.21 18.35
N VAL A 69 -4.15 2.85 17.12
CA VAL A 69 -4.83 1.77 16.40
C VAL A 69 -4.25 0.43 16.89
N THR A 70 -5.12 -0.47 17.42
CA THR A 70 -4.67 -1.79 17.93
C THR A 70 -5.34 -2.97 17.21
N GLY A 71 -4.91 -4.19 17.56
CA GLY A 71 -5.45 -5.41 16.98
C GLY A 71 -5.12 -5.66 15.53
N LEU A 72 -4.00 -5.07 15.06
CA LEU A 72 -3.51 -5.17 13.68
C LEU A 72 -2.65 -6.42 13.53
N LYS A 73 -2.51 -6.93 12.31
CA LYS A 73 -1.73 -8.12 12.03
C LYS A 73 -0.23 -7.78 12.01
N PRO A 74 0.71 -8.71 12.40
CA PRO A 74 2.14 -8.39 12.28
C PRO A 74 2.53 -8.30 10.80
N ASN A 75 3.56 -7.52 10.48
CA ASN A 75 4.03 -7.34 9.10
C ASN A 75 2.93 -6.99 8.11
N THR A 76 2.04 -6.04 8.47
CA THR A 76 0.93 -5.67 7.59
C THR A 76 0.88 -4.20 7.35
N LEU A 77 0.74 -3.80 6.08
CA LEU A 77 0.64 -2.41 5.65
C LEU A 77 -0.83 -1.97 5.63
N TYR A 78 -1.08 -0.82 6.31
CA TYR A 78 -2.37 -0.21 6.47
C TYR A 78 -2.41 1.21 5.93
N GLU A 79 -3.61 1.66 5.55
CA GLU A 79 -3.99 2.98 5.07
C GLU A 79 -4.76 3.67 6.21
N PHE A 80 -4.49 4.94 6.51
CA PHE A 80 -5.24 5.68 7.54
C PHE A 80 -5.70 7.08 7.04
N SER A 81 -6.96 7.46 7.36
CA SER A 81 -7.54 8.76 7.02
C SER A 81 -8.34 9.19 8.25
N VAL A 82 -8.46 10.51 8.46
CA VAL A 82 -9.20 11.10 9.58
C VAL A 82 -10.23 12.12 9.03
N MET A 83 -11.27 12.41 9.82
CA MET A 83 -12.30 13.40 9.52
C MET A 83 -12.75 14.02 10.84
N VAL A 84 -13.32 15.23 10.79
CA VAL A 84 -13.80 15.93 11.99
C VAL A 84 -15.31 16.12 11.91
N THR A 85 -15.98 16.20 13.07
CA THR A 85 -17.41 16.45 13.20
C THR A 85 -17.62 17.33 14.43
N LYS A 86 -18.06 18.58 14.23
CA LYS A 86 -18.37 19.51 15.34
C LYS A 86 -19.86 19.78 15.29
N GLY A 87 -20.62 18.97 16.02
CA GLY A 87 -22.08 19.05 16.03
C GLY A 87 -22.68 18.50 14.74
N ARG A 88 -23.61 19.27 14.12
CA ARG A 88 -24.22 18.86 12.85
C ARG A 88 -23.28 19.05 11.62
N ARG A 89 -22.10 19.65 11.86
CA ARG A 89 -21.06 19.92 10.85
C ARG A 89 -20.04 18.78 10.82
N SER A 90 -19.57 18.41 9.60
CA SER A 90 -18.55 17.38 9.37
C SER A 90 -17.63 17.72 8.19
N SER A 91 -16.60 16.90 7.93
CA SER A 91 -15.63 17.12 6.85
C SER A 91 -15.30 15.86 6.09
N THR A 92 -14.75 15.98 4.86
CA THR A 92 -14.30 14.80 4.11
C THR A 92 -13.08 14.24 4.80
N TRP A 93 -12.72 13.03 4.37
CA TRP A 93 -11.57 12.35 4.88
C TRP A 93 -10.28 13.01 4.42
N SER A 94 -9.37 13.15 5.37
CA SER A 94 -8.04 13.72 5.23
C SER A 94 -7.18 12.93 4.25
N MET A 95 -5.97 13.42 4.06
CA MET A 95 -4.94 12.75 3.29
C MET A 95 -4.72 11.33 3.88
N THR A 96 -4.26 10.40 3.04
CA THR A 96 -3.99 9.05 3.51
C THR A 96 -2.54 8.91 4.00
N ALA A 97 -2.44 8.38 5.21
CA ALA A 97 -1.20 8.04 5.88
C ALA A 97 -1.05 6.52 5.83
N HIS A 98 0.18 6.04 5.74
CA HIS A 98 0.44 4.61 5.67
C HIS A 98 1.41 4.22 6.75
N GLY A 99 1.20 3.02 7.26
CA GLY A 99 2.03 2.38 8.27
C GLY A 99 1.99 0.86 8.20
N ALA A 100 3.15 0.21 8.38
CA ALA A 100 3.23 -1.23 8.38
C ALA A 100 3.82 -1.72 9.71
N THR A 101 3.04 -2.55 10.43
CA THR A 101 3.36 -3.16 11.73
C THR A 101 4.63 -4.01 11.61
N PHE A 102 5.40 -4.10 12.68
CA PHE A 102 6.63 -4.90 12.72
C PHE A 102 6.37 -6.40 12.54
N GLU A 103 7.46 -7.14 12.23
CA GLU A 103 7.32 -8.58 12.14
C GLU A 103 7.31 -9.07 13.63
N LEU A 104 6.86 -10.29 13.85
CA LEU A 104 6.89 -11.00 15.12
C LEU A 104 7.42 -12.40 14.74
N VAL A 105 8.02 -13.10 15.68
CA VAL A 105 8.50 -14.47 15.42
C VAL A 105 7.31 -15.31 14.95
N PRO A 106 7.44 -16.38 14.10
CA PRO A 106 6.24 -17.17 13.80
C PRO A 106 5.68 -17.79 15.09
N THR A 107 4.36 -17.80 15.25
CA THR A 107 3.71 -18.30 16.45
C THR A 107 2.79 -19.51 16.14
N SER A 108 2.93 -20.10 14.96
CA SER A 108 2.17 -21.25 14.46
C SER A 108 3.19 -22.17 13.70
N PRO A 109 3.08 -23.50 13.75
CA PRO A 109 4.08 -24.32 13.04
C PRO A 109 3.73 -24.46 11.57
N PRO A 110 4.69 -24.92 10.71
CA PRO A 110 4.33 -25.20 9.30
C PRO A 110 3.14 -26.17 9.24
N LYS A 111 2.19 -25.93 8.30
CA LYS A 111 0.98 -26.74 8.13
C LYS A 111 1.21 -27.86 7.10
N ASP A 112 0.28 -28.82 7.07
CA ASP A 112 0.13 -29.90 6.11
C ASP A 112 1.43 -30.54 5.67
N VAL A 113 2.23 -30.99 6.64
CA VAL A 113 3.52 -31.65 6.42
C VAL A 113 3.26 -33.04 5.86
N THR A 114 3.81 -33.33 4.67
CA THR A 114 3.69 -34.63 4.01
C THR A 114 5.06 -35.16 3.54
N VAL A 115 5.18 -36.49 3.42
CA VAL A 115 6.39 -37.17 2.94
C VAL A 115 6.00 -38.22 1.89
N VAL A 116 6.74 -38.27 0.79
CA VAL A 116 6.50 -39.24 -0.28
C VAL A 116 7.84 -39.80 -0.73
N SER A 117 7.85 -41.03 -1.23
CA SER A 117 9.07 -41.62 -1.75
C SER A 117 9.31 -41.06 -3.14
N LYS A 118 10.57 -40.73 -3.51
CA LYS A 118 10.87 -40.22 -4.87
C LYS A 118 10.72 -41.37 -5.90
N GLU A 119 10.06 -41.07 -7.01
CA GLU A 119 9.82 -41.93 -8.18
C GLU A 119 11.07 -42.77 -8.52
N GLY A 120 10.94 -44.08 -8.39
CA GLY A 120 12.01 -45.07 -8.64
C GLY A 120 13.33 -44.93 -7.89
N LYS A 121 13.36 -44.14 -6.80
CA LYS A 121 14.53 -43.85 -5.97
C LYS A 121 14.08 -43.99 -4.51
N PRO A 122 13.97 -45.25 -4.03
CA PRO A 122 13.42 -45.52 -2.69
C PRO A 122 14.15 -44.96 -1.46
N ARG A 123 15.44 -44.68 -1.59
CA ARG A 123 16.30 -44.15 -0.53
C ARG A 123 16.19 -42.64 -0.47
N THR A 124 15.39 -42.06 -1.39
CA THR A 124 15.07 -40.63 -1.47
C THR A 124 13.60 -40.36 -1.15
N ILE A 125 13.36 -39.24 -0.47
CA ILE A 125 12.04 -38.78 -0.11
C ILE A 125 11.86 -37.33 -0.51
N ILE A 126 10.61 -36.92 -0.72
CA ILE A 126 10.24 -35.55 -0.97
C ILE A 126 9.32 -35.15 0.17
N VAL A 127 9.67 -34.04 0.85
CA VAL A 127 8.92 -33.49 1.97
C VAL A 127 8.23 -32.22 1.50
N ASN A 128 6.94 -32.14 1.76
CA ASN A 128 6.17 -30.96 1.40
C ASN A 128 5.48 -30.45 2.63
N TRP A 129 5.22 -29.14 2.68
CA TRP A 129 4.52 -28.47 3.78
C TRP A 129 3.91 -27.15 3.28
N GLN A 130 3.19 -26.48 4.16
CA GLN A 130 2.53 -25.20 3.90
C GLN A 130 3.05 -24.17 4.92
N PRO A 131 3.07 -22.83 4.59
CA PRO A 131 3.57 -21.85 5.56
C PRO A 131 2.68 -21.80 6.80
N PRO A 132 3.22 -21.44 7.97
CA PRO A 132 2.35 -21.37 9.15
C PRO A 132 1.23 -20.35 9.00
N SER A 133 0.13 -20.51 9.74
CA SER A 133 -1.01 -19.57 9.73
C SER A 133 -0.53 -18.24 10.28
N GLU A 134 0.19 -18.27 11.43
CA GLU A 134 0.75 -17.08 12.07
C GLU A 134 2.26 -16.96 11.74
N ALA A 135 2.59 -16.72 10.46
CA ALA A 135 3.98 -16.51 10.00
C ALA A 135 4.54 -15.24 10.60
N ASN A 136 3.71 -14.18 10.74
CA ASN A 136 4.01 -12.88 11.34
C ASN A 136 5.16 -12.14 10.68
N GLY A 137 5.58 -12.56 9.50
CA GLY A 137 6.68 -11.91 8.78
C GLY A 137 7.03 -12.61 7.51
N LYS A 138 8.02 -12.07 6.76
CA LYS A 138 8.49 -12.70 5.52
C LYS A 138 9.35 -13.83 6.00
N ILE A 139 8.91 -15.07 5.67
CA ILE A 139 9.57 -16.33 6.03
C ILE A 139 10.90 -16.37 5.30
N THR A 140 11.98 -16.52 6.08
CA THR A 140 13.35 -16.52 5.56
C THR A 140 13.93 -17.93 5.37
N GLY A 141 13.13 -18.92 5.74
CA GLY A 141 13.50 -20.33 5.64
C GLY A 141 12.81 -21.21 6.66
N TYR A 142 13.05 -22.53 6.53
CA TYR A 142 12.54 -23.57 7.43
C TYR A 142 13.70 -24.45 7.83
N ILE A 143 13.49 -25.27 8.86
CA ILE A 143 14.47 -26.25 9.29
C ILE A 143 13.69 -27.56 9.45
N ILE A 144 14.14 -28.58 8.73
CA ILE A 144 13.56 -29.91 8.80
C ILE A 144 14.42 -30.71 9.76
N TYR A 145 13.78 -31.47 10.65
CA TYR A 145 14.49 -32.35 11.56
C TYR A 145 13.98 -33.76 11.31
N TYR A 146 14.90 -34.73 11.24
CA TYR A 146 14.55 -36.13 11.08
C TYR A 146 15.38 -37.08 11.95
N SER A 147 14.73 -38.14 12.39
CA SER A 147 15.33 -39.14 13.21
C SER A 147 14.68 -40.47 12.92
N THR A 148 15.38 -41.57 13.28
CA THR A 148 14.85 -42.93 13.19
C THR A 148 14.31 -43.36 14.57
N ASP A 149 14.58 -42.54 15.60
CA ASP A 149 14.12 -42.66 16.99
C ASP A 149 13.30 -41.40 17.31
N VAL A 150 12.00 -41.57 17.46
CA VAL A 150 11.07 -40.46 17.75
C VAL A 150 11.34 -39.91 19.15
N ASN A 151 11.88 -40.78 20.02
CA ASN A 151 12.22 -40.48 21.40
C ASN A 151 13.57 -39.80 21.57
N ALA A 152 14.38 -39.70 20.51
CA ALA A 152 15.67 -39.01 20.54
C ALA A 152 15.49 -37.51 20.85
N GLU A 153 16.46 -36.93 21.58
CA GLU A 153 16.44 -35.51 21.90
C GLU A 153 16.76 -34.74 20.63
N ILE A 154 16.18 -33.53 20.48
CA ILE A 154 16.32 -32.67 19.29
C ILE A 154 17.75 -32.44 18.77
N HIS A 155 18.73 -32.43 19.70
CA HIS A 155 20.13 -32.29 19.36
C HIS A 155 20.63 -33.48 18.53
N ASP A 156 20.06 -34.67 18.75
CA ASP A 156 20.43 -35.89 18.04
C ASP A 156 19.73 -36.06 16.69
N TRP A 157 18.69 -35.24 16.46
CA TRP A 157 17.94 -35.23 15.21
C TRP A 157 18.80 -34.58 14.13
N VAL A 158 18.69 -35.09 12.88
CA VAL A 158 19.43 -34.59 11.73
C VAL A 158 18.79 -33.29 11.26
N ILE A 159 19.57 -32.19 11.20
CA ILE A 159 19.09 -30.87 10.75
C ILE A 159 19.28 -30.74 9.21
N GLU A 160 18.17 -30.46 8.49
CA GLU A 160 18.11 -30.23 7.04
C GLU A 160 17.56 -28.82 6.84
N PRO A 161 18.42 -27.79 6.70
CA PRO A 161 17.89 -26.41 6.51
C PRO A 161 17.30 -26.20 5.11
N VAL A 162 16.33 -25.28 5.04
CA VAL A 162 15.64 -24.93 3.79
C VAL A 162 15.74 -23.42 3.72
N VAL A 163 16.48 -22.92 2.76
CA VAL A 163 16.69 -21.48 2.61
C VAL A 163 15.59 -20.81 1.81
N GLY A 164 14.94 -19.84 2.45
CA GLY A 164 13.87 -19.04 1.87
C GLY A 164 12.51 -19.69 1.97
N ASN A 165 11.51 -19.05 1.35
CA ASN A 165 10.16 -19.61 1.33
C ASN A 165 10.04 -20.63 0.18
N ARG A 166 10.46 -21.86 0.52
CA ARG A 166 10.43 -23.07 -0.30
C ARG A 166 9.55 -23.98 0.54
N LEU A 167 8.62 -24.68 -0.09
CA LEU A 167 7.67 -25.52 0.64
C LEU A 167 7.86 -26.98 0.37
N THR A 168 8.93 -27.31 -0.36
CA THR A 168 9.28 -28.67 -0.78
C THR A 168 10.77 -28.85 -0.57
N HIS A 169 11.18 -30.06 -0.21
CA HIS A 169 12.59 -30.35 -0.02
C HIS A 169 12.83 -31.85 -0.14
N GLN A 170 13.83 -32.23 -0.94
CA GLN A 170 14.18 -33.63 -1.16
C GLN A 170 15.32 -34.09 -0.24
N ILE A 171 15.18 -35.29 0.37
CA ILE A 171 16.19 -35.87 1.27
C ILE A 171 16.59 -37.22 0.71
N GLN A 172 17.89 -37.40 0.41
CA GLN A 172 18.43 -38.63 -0.15
C GLN A 172 19.21 -39.45 0.89
N GLU A 173 19.83 -40.56 0.43
CA GLU A 173 20.67 -41.49 1.19
C GLU A 173 20.00 -42.08 2.46
N LEU A 174 18.68 -42.18 2.48
CA LEU A 174 17.96 -42.79 3.61
C LEU A 174 18.02 -44.33 3.53
N THR A 175 17.68 -44.98 4.63
CA THR A 175 17.68 -46.43 4.77
C THR A 175 16.31 -46.98 4.43
N LEU A 176 16.28 -48.13 3.76
CA LEU A 176 15.06 -48.80 3.32
C LEU A 176 14.35 -49.53 4.46
N ASP A 177 13.04 -49.74 4.30
CA ASP A 177 12.17 -50.42 5.27
C ASP A 177 12.35 -49.87 6.69
N THR A 178 12.35 -48.54 6.81
CA THR A 178 12.62 -47.90 8.09
C THR A 178 11.68 -46.75 8.37
N PRO A 179 11.05 -46.71 9.56
CA PRO A 179 10.28 -45.53 9.94
C PRO A 179 11.23 -44.36 10.29
N TYR A 180 11.00 -43.23 9.65
CA TYR A 180 11.71 -41.97 9.86
C TYR A 180 10.64 -41.02 10.39
N TYR A 181 11.05 -40.02 11.20
CA TYR A 181 10.17 -39.02 11.83
C TYR A 181 10.56 -37.63 11.40
N PHE A 182 9.57 -36.75 11.16
CA PHE A 182 9.83 -35.40 10.65
C PHE A 182 9.20 -34.25 11.40
N LYS A 183 10.02 -33.27 11.80
CA LYS A 183 9.54 -32.02 12.44
C LYS A 183 10.06 -30.88 11.58
N ILE A 184 9.21 -29.89 11.34
CA ILE A 184 9.62 -28.71 10.57
C ILE A 184 9.30 -27.47 11.41
N GLN A 185 10.17 -26.45 11.32
CA GLN A 185 9.93 -25.15 11.95
C GLN A 185 10.27 -24.03 11.01
N ALA A 186 9.51 -22.95 11.10
CA ALA A 186 9.67 -21.77 10.25
C ALA A 186 10.57 -20.71 10.89
N ARG A 187 11.20 -19.92 10.04
CA ARG A 187 12.06 -18.81 10.45
C ARG A 187 11.65 -17.56 9.70
N ASN A 188 11.82 -16.41 10.35
CA ASN A 188 11.65 -15.08 9.76
C ASN A 188 12.72 -14.19 10.38
N SER A 189 12.86 -12.94 9.90
CA SER A 189 13.86 -12.00 10.41
C SER A 189 13.93 -11.86 11.96
N LYS A 190 12.79 -12.06 12.66
CA LYS A 190 12.69 -11.90 14.12
C LYS A 190 13.07 -13.14 14.93
N GLY A 191 13.13 -14.33 14.31
CA GLY A 191 13.52 -15.60 14.94
C GLY A 191 12.82 -16.83 14.43
N MET A 192 12.85 -17.93 15.25
CA MET A 192 12.24 -19.24 14.92
C MET A 192 10.88 -19.38 15.55
N GLY A 193 10.00 -20.08 14.87
CA GLY A 193 8.66 -20.34 15.40
C GLY A 193 8.54 -21.75 15.92
N PRO A 194 7.32 -22.13 16.39
CA PRO A 194 7.12 -23.51 16.88
C PRO A 194 7.31 -24.59 15.81
N MET A 195 7.53 -25.83 16.25
CA MET A 195 7.71 -26.99 15.36
C MET A 195 6.44 -27.73 15.15
N SER A 196 6.32 -28.35 13.97
CA SER A 196 5.20 -29.20 13.65
C SER A 196 5.24 -30.47 14.59
N GLU A 197 4.11 -31.16 14.68
CA GLU A 197 4.03 -32.42 15.39
C GLU A 197 4.70 -33.39 14.39
N ALA A 198 5.53 -34.30 14.92
CA ALA A 198 6.25 -35.24 14.10
C ALA A 198 5.32 -36.08 13.25
N VAL A 199 5.68 -36.24 11.96
CA VAL A 199 4.98 -37.00 10.94
C VAL A 199 5.86 -38.20 10.69
N GLN A 200 5.27 -39.39 10.64
CA GLN A 200 6.04 -40.59 10.37
C GLN A 200 5.94 -41.08 8.93
N PHE A 201 7.07 -41.56 8.39
CA PHE A 201 7.10 -42.15 7.06
C PHE A 201 8.00 -43.38 7.07
N ARG A 202 7.49 -44.53 6.57
CA ARG A 202 8.34 -45.71 6.46
C ARG A 202 8.79 -45.83 5.04
N THR A 203 10.12 -45.85 4.85
CA THR A 203 10.74 -45.99 3.54
C THR A 203 10.41 -47.37 2.98
N PRO A 204 10.27 -47.50 1.64
CA PRO A 204 9.90 -48.81 1.08
C PRO A 204 10.96 -49.90 1.25
N GLY A 205 10.49 -51.11 1.02
CA GLY A 205 11.32 -52.30 1.08
C GLY A 205 11.53 -52.75 -0.35
N THR A 206 12.57 -53.50 -0.57
CA THR A 206 12.94 -54.02 -1.87
C THR A 206 12.30 -55.39 -2.06
N LYS A 207 11.91 -55.72 -3.32
CA LYS A 207 11.27 -56.99 -3.65
C LYS A 207 12.17 -58.16 -4.06
N HIS A 208 12.91 -58.05 -5.20
CA HIS A 208 13.80 -59.12 -5.73
C HIS A 208 13.04 -60.18 -6.55
N PRO B 5 29.20 -2.50 14.91
CA PRO B 5 28.69 -2.50 16.29
C PRO B 5 27.56 -1.48 16.53
N MET B 6 26.99 -0.89 15.46
CA MET B 6 26.00 0.20 15.49
C MET B 6 24.50 -0.15 15.50
N MET B 7 23.73 0.49 16.42
CA MET B 7 22.28 0.31 16.51
C MET B 7 21.59 1.16 15.42
N PRO B 8 20.54 0.62 14.71
CA PRO B 8 19.96 1.38 13.59
C PRO B 8 19.02 2.48 14.03
N PRO B 9 18.67 3.45 13.15
CA PRO B 9 17.71 4.48 13.56
C PRO B 9 16.33 3.89 13.92
N VAL B 10 15.64 4.60 14.82
CA VAL B 10 14.34 4.20 15.33
C VAL B 10 13.28 5.28 15.03
N GLY B 11 12.01 4.98 15.31
CA GLY B 11 10.92 5.93 15.09
C GLY B 11 11.00 6.66 13.75
N VAL B 12 11.20 5.89 12.66
CA VAL B 12 11.26 6.44 11.30
C VAL B 12 9.82 6.82 10.90
N GLN B 13 9.62 8.08 10.42
CA GLN B 13 8.32 8.58 10.00
C GLN B 13 8.38 9.35 8.72
N ALA B 14 7.28 9.30 7.95
CA ALA B 14 7.13 10.05 6.70
C ALA B 14 6.10 11.16 6.92
N SER B 15 6.39 12.37 6.36
CA SER B 15 5.48 13.50 6.41
C SER B 15 5.19 13.93 4.99
N ILE B 16 3.92 13.86 4.58
CA ILE B 16 3.57 14.20 3.19
C ILE B 16 3.43 15.69 3.03
N LEU B 17 4.41 16.27 2.31
CA LEU B 17 4.46 17.70 2.06
C LEU B 17 3.72 18.14 0.79
N SER B 18 3.95 17.42 -0.34
CA SER B 18 3.34 17.73 -1.64
C SER B 18 3.15 16.48 -2.51
N HIS B 19 2.91 16.67 -3.82
CA HIS B 19 2.73 15.58 -4.77
C HIS B 19 4.08 15.01 -5.18
N ASP B 20 5.19 15.70 -4.84
CA ASP B 20 6.54 15.26 -5.20
C ASP B 20 7.55 15.21 -4.03
N THR B 21 7.14 15.63 -2.82
CA THR B 21 8.03 15.70 -1.65
C THR B 21 7.46 15.08 -0.37
N ILE B 22 8.32 14.32 0.31
CA ILE B 22 8.06 13.62 1.59
C ILE B 22 9.24 13.89 2.52
N ARG B 23 8.95 14.31 3.78
CA ARG B 23 9.96 14.53 4.82
C ARG B 23 10.05 13.32 5.77
N ILE B 24 11.24 12.72 5.78
CA ILE B 24 11.57 11.57 6.62
C ILE B 24 12.28 12.06 7.87
N THR B 25 11.86 11.56 9.03
CA THR B 25 12.41 11.92 10.33
C THR B 25 12.53 10.67 11.17
N TRP B 26 13.56 10.62 11.98
CA TRP B 26 13.84 9.46 12.82
C TRP B 26 14.61 9.88 14.10
N ALA B 27 14.79 8.93 15.02
CA ALA B 27 15.51 9.11 16.26
C ALA B 27 16.76 8.23 16.27
N ASP B 28 17.70 8.56 17.16
CA ASP B 28 18.93 7.81 17.40
C ASP B 28 19.07 7.56 18.91
N ASN B 29 18.85 6.30 19.32
CA ASN B 29 18.90 5.90 20.73
C ASN B 29 20.30 5.89 21.38
N SER B 30 21.35 6.18 20.58
CA SER B 30 22.73 6.29 21.05
C SER B 30 23.11 7.79 21.27
N LEU B 31 22.08 8.68 21.21
CA LEU B 31 22.15 10.14 21.41
C LEU B 31 21.21 10.55 22.59
N PRO B 32 21.54 11.60 23.39
CA PRO B 32 20.64 12.03 24.48
C PRO B 32 19.26 12.51 24.01
N THR B 38 26.45 15.47 17.41
CA THR B 38 27.68 16.18 17.81
C THR B 38 28.95 15.47 17.29
N ASP B 39 28.82 14.20 16.92
CA ASP B 39 29.87 13.32 16.42
C ASP B 39 30.19 13.52 14.92
N SER B 40 30.90 12.55 14.31
CA SER B 40 31.25 12.50 12.89
C SER B 40 30.20 11.71 12.09
N ARG B 41 29.23 11.08 12.80
CA ARG B 41 28.16 10.23 12.26
C ARG B 41 27.28 10.84 11.17
N TYR B 42 26.94 10.03 10.14
CA TYR B 42 26.08 10.41 9.01
C TYR B 42 25.05 9.34 8.66
N TYR B 43 23.81 9.78 8.43
CA TYR B 43 22.72 8.90 8.08
C TYR B 43 22.57 8.80 6.59
N THR B 44 22.18 7.62 6.11
CA THR B 44 21.90 7.36 4.70
C THR B 44 20.43 6.93 4.63
N VAL B 45 19.65 7.58 3.75
CA VAL B 45 18.23 7.31 3.54
C VAL B 45 18.06 6.67 2.18
N ARG B 46 17.30 5.58 2.10
CA ARG B 46 16.99 4.92 0.85
C ARG B 46 15.48 4.91 0.67
N TRP B 47 15.01 4.87 -0.58
CA TRP B 47 13.59 4.83 -0.90
C TRP B 47 13.33 4.21 -2.25
N LYS B 48 12.20 3.56 -2.39
CA LYS B 48 11.75 2.94 -3.62
C LYS B 48 10.21 2.93 -3.61
N THR B 49 9.58 2.76 -4.79
CA THR B 49 8.13 2.67 -4.85
C THR B 49 7.80 1.27 -4.37
N ASN B 50 6.80 1.17 -3.50
CA ASN B 50 6.29 -0.08 -2.89
C ASN B 50 6.03 -1.18 -3.97
N ILE B 51 5.40 -0.80 -5.11
CA ILE B 51 5.11 -1.67 -6.27
C ILE B 51 5.69 -1.14 -7.57
N THR B 55 12.25 -3.08 -7.76
CA THR B 55 12.54 -1.70 -8.14
C THR B 55 13.85 -1.32 -7.45
N LYS B 56 14.64 -0.40 -8.02
CA LYS B 56 15.88 -0.05 -7.32
C LYS B 56 15.75 1.09 -6.33
N TYR B 57 16.45 0.96 -5.20
CA TYR B 57 16.47 1.95 -4.13
C TYR B 57 17.27 3.16 -4.57
N LYS B 58 16.71 4.35 -4.41
CA LYS B 58 17.42 5.59 -4.65
C LYS B 58 17.91 5.94 -3.24
N ASN B 59 19.01 6.71 -3.09
CA ASN B 59 19.48 7.08 -1.75
C ASN B 59 20.17 8.43 -1.61
N ALA B 60 20.40 8.87 -0.35
CA ALA B 60 20.99 10.15 -0.02
C ALA B 60 21.58 10.16 1.39
N ASN B 61 22.52 11.08 1.66
CA ASN B 61 23.17 11.25 2.97
C ASN B 61 22.74 12.54 3.69
N ALA B 62 22.60 12.46 5.04
CA ALA B 62 22.23 13.59 5.91
C ALA B 62 23.00 13.60 7.23
N THR B 63 23.38 14.80 7.70
CA THR B 63 24.11 15.02 8.97
C THR B 63 23.10 15.45 10.04
N THR B 64 21.81 15.44 9.65
CA THR B 64 20.65 15.79 10.46
C THR B 64 19.68 14.58 10.62
N LEU B 65 18.81 14.63 11.64
CA LEU B 65 17.82 13.59 11.97
C LEU B 65 16.47 13.81 11.24
N SER B 66 16.57 14.18 9.95
CA SER B 66 15.48 14.42 8.98
C SER B 66 16.08 14.52 7.57
N TYR B 67 15.26 14.21 6.54
CA TYR B 67 15.63 14.33 5.13
C TYR B 67 14.38 14.57 4.27
N LEU B 68 14.52 15.51 3.31
CA LEU B 68 13.49 15.94 2.38
C LEU B 68 13.65 15.19 1.08
N VAL B 69 12.84 14.16 0.87
CA VAL B 69 12.90 13.37 -0.35
C VAL B 69 12.11 14.11 -1.45
N THR B 70 12.77 14.43 -2.59
CA THR B 70 12.12 15.14 -3.71
C THR B 70 12.16 14.35 -5.03
N GLY B 71 11.48 14.89 -6.06
CA GLY B 71 11.40 14.29 -7.38
C GLY B 71 10.59 13.00 -7.46
N LEU B 72 9.62 12.85 -6.54
CA LEU B 72 8.73 11.70 -6.45
C LEU B 72 7.51 11.90 -7.36
N LYS B 73 6.87 10.80 -7.77
CA LYS B 73 5.70 10.84 -8.65
C LYS B 73 4.43 11.22 -7.86
N PRO B 74 3.42 11.93 -8.45
CA PRO B 74 2.19 12.20 -7.69
C PRO B 74 1.43 10.90 -7.44
N ASN B 75 0.64 10.85 -6.38
CA ASN B 75 -0.16 9.68 -6.04
C ASN B 75 0.62 8.36 -6.02
N THR B 76 1.83 8.37 -5.42
CA THR B 76 2.70 7.19 -5.42
C THR B 76 3.14 6.83 -4.05
N LEU B 77 3.00 5.53 -3.70
CA LEU B 77 3.40 4.99 -2.40
C LEU B 77 4.84 4.52 -2.45
N TYR B 78 5.61 4.98 -1.45
CA TYR B 78 7.03 4.72 -1.28
C TYR B 78 7.34 4.09 0.05
N GLU B 79 8.44 3.34 0.10
CA GLU B 79 9.05 2.67 1.25
C GLU B 79 10.30 3.46 1.63
N PHE B 80 10.53 3.72 2.93
CA PHE B 80 11.74 4.43 3.38
C PHE B 80 12.43 3.70 4.55
N SER B 81 13.78 3.61 4.52
CA SER B 81 14.61 3.03 5.58
C SER B 81 15.83 3.92 5.74
N VAL B 82 16.40 3.98 6.95
CA VAL B 82 17.57 4.80 7.27
C VAL B 82 18.64 3.89 7.93
N MET B 83 19.89 4.33 7.89
CA MET B 83 21.04 3.65 8.52
C MET B 83 22.04 4.73 8.96
N VAL B 84 22.88 4.42 9.96
CA VAL B 84 23.89 5.36 10.47
C VAL B 84 25.29 4.83 10.16
N THR B 85 26.29 5.74 10.04
CA THR B 85 27.70 5.42 9.84
C THR B 85 28.52 6.43 10.61
N SER B 91 25.51 0.59 10.56
CA SER B 91 24.39 -0.16 11.07
C SER B 91 23.48 -0.67 9.95
N THR B 92 22.64 -1.70 10.24
CA THR B 92 21.67 -2.19 9.26
C THR B 92 20.61 -1.14 9.10
N TRP B 93 19.79 -1.34 8.07
CA TRP B 93 18.68 -0.47 7.77
C TRP B 93 17.59 -0.60 8.81
N SER B 94 17.08 0.55 9.22
CA SER B 94 16.01 0.76 10.18
C SER B 94 14.70 0.14 9.68
N MET B 95 13.68 0.26 10.54
CA MET B 95 12.33 -0.13 10.23
C MET B 95 11.87 0.61 8.95
N THR B 96 10.93 0.01 8.21
CA THR B 96 10.42 0.64 7.01
C THR B 96 9.22 1.54 7.30
N ALA B 97 9.33 2.79 6.84
CA ALA B 97 8.31 3.81 6.90
C ALA B 97 7.71 3.94 5.50
N HIS B 98 6.42 4.25 5.43
CA HIS B 98 5.72 4.39 4.17
C HIS B 98 5.06 5.73 4.11
N GLY B 99 5.03 6.26 2.88
CA GLY B 99 4.40 7.52 2.54
C GLY B 99 3.94 7.55 1.11
N ALA B 100 2.76 8.11 0.87
CA ALA B 100 2.24 8.25 -0.48
C ALA B 100 2.00 9.74 -0.76
N THR B 101 2.66 10.26 -1.83
CA THR B 101 2.58 11.63 -2.32
C THR B 101 1.14 11.95 -2.69
N PHE B 102 0.77 13.22 -2.58
CA PHE B 102 -0.57 13.66 -2.91
C PHE B 102 -0.87 13.50 -4.42
N GLU B 103 -2.14 13.57 -4.76
CA GLU B 103 -2.54 13.58 -6.16
C GLU B 103 -2.19 15.01 -6.61
N LEU B 104 -2.09 15.22 -7.90
CA LEU B 104 -1.90 16.54 -8.44
C LEU B 104 -3.03 16.65 -9.39
N VAL B 105 -3.44 17.87 -9.63
CA VAL B 105 -4.47 18.13 -10.58
C VAL B 105 -4.05 17.52 -11.96
N PRO B 106 -4.95 17.07 -12.86
CA PRO B 106 -4.45 16.58 -14.17
C PRO B 106 -3.71 17.72 -14.88
N THR B 107 -2.57 17.39 -15.53
CA THR B 107 -1.73 18.38 -16.23
C THR B 107 -1.68 18.15 -17.76
N SER B 108 -2.57 17.32 -18.28
CA SER B 108 -2.69 16.92 -19.68
C SER B 108 -4.23 16.90 -19.98
N PRO B 109 -4.69 17.32 -21.16
CA PRO B 109 -6.15 17.27 -21.41
C PRO B 109 -6.61 15.87 -21.83
N PRO B 110 -7.94 15.60 -21.78
CA PRO B 110 -8.44 14.33 -22.33
C PRO B 110 -7.98 14.15 -23.79
N LYS B 111 -7.62 12.92 -24.17
CA LYS B 111 -7.14 12.57 -25.51
C LYS B 111 -8.29 12.10 -26.43
N ASP B 112 -8.01 12.05 -27.73
CA ASP B 112 -8.84 11.50 -28.81
C ASP B 112 -10.34 11.78 -28.72
N VAL B 113 -10.67 13.09 -28.56
CA VAL B 113 -12.05 13.56 -28.47
C VAL B 113 -12.74 13.44 -29.84
N THR B 114 -13.86 12.71 -29.88
CA THR B 114 -14.67 12.52 -31.10
C THR B 114 -16.16 12.79 -30.86
N VAL B 115 -16.91 13.15 -31.92
CA VAL B 115 -18.36 13.43 -31.87
C VAL B 115 -19.05 12.72 -33.04
N VAL B 116 -20.17 12.05 -32.76
CA VAL B 116 -20.97 11.36 -33.78
C VAL B 116 -22.43 11.64 -33.54
N SER B 117 -23.24 11.63 -34.61
CA SER B 117 -24.66 11.84 -34.44
C SER B 117 -25.27 10.51 -33.97
N LYS B 118 -26.25 10.55 -33.03
CA LYS B 118 -26.91 9.32 -32.54
C LYS B 118 -27.79 8.74 -33.66
N GLU B 119 -27.70 7.41 -33.85
CA GLU B 119 -28.45 6.62 -34.83
C GLU B 119 -29.94 7.02 -34.88
N GLY B 120 -30.37 7.56 -36.02
CA GLY B 120 -31.73 8.01 -36.27
C GLY B 120 -32.31 9.09 -35.38
N LYS B 121 -31.45 9.81 -34.62
CA LYS B 121 -31.81 10.88 -33.68
C LYS B 121 -30.84 12.05 -33.93
N PRO B 122 -31.10 12.84 -35.00
CA PRO B 122 -30.16 13.90 -35.42
C PRO B 122 -29.87 15.04 -34.46
N ARG B 123 -30.80 15.33 -33.52
CA ARG B 123 -30.66 16.40 -32.54
C ARG B 123 -29.85 15.94 -31.34
N THR B 124 -29.44 14.64 -31.36
CA THR B 124 -28.62 13.98 -30.35
C THR B 124 -27.23 13.61 -30.89
N ILE B 125 -26.22 13.75 -30.04
CA ILE B 125 -24.85 13.41 -30.35
C ILE B 125 -24.25 12.53 -29.28
N ILE B 126 -23.22 11.76 -29.64
CA ILE B 126 -22.46 10.94 -28.72
C ILE B 126 -21.03 11.45 -28.80
N VAL B 127 -20.46 11.80 -27.64
CA VAL B 127 -19.09 12.30 -27.49
C VAL B 127 -18.24 11.23 -26.84
N ASN B 128 -17.12 10.93 -27.44
CA ASN B 128 -16.19 9.96 -26.91
C ASN B 128 -14.84 10.60 -26.75
N TRP B 129 -14.03 10.10 -25.79
CA TRP B 129 -12.68 10.57 -25.51
C TRP B 129 -11.87 9.50 -24.76
N GLN B 130 -10.60 9.80 -24.47
CA GLN B 130 -9.66 8.94 -23.74
C GLN B 130 -9.12 9.71 -22.52
N PRO B 131 -8.69 9.01 -21.44
CA PRO B 131 -8.19 9.74 -20.25
C PRO B 131 -6.91 10.50 -20.54
N PRO B 132 -6.61 11.58 -19.81
CA PRO B 132 -5.35 12.30 -20.08
C PRO B 132 -4.12 11.45 -19.78
N SER B 133 -2.99 11.77 -20.44
CA SER B 133 -1.73 11.09 -20.23
C SER B 133 -1.27 11.35 -18.79
N GLU B 134 -1.29 12.62 -18.33
CA GLU B 134 -0.93 13.06 -16.99
C GLU B 134 -2.16 13.27 -16.13
N ALA B 135 -2.87 12.18 -15.81
CA ALA B 135 -4.03 12.21 -14.94
C ALA B 135 -3.64 12.62 -13.48
N ASN B 136 -2.45 12.18 -12.98
CA ASN B 136 -1.86 12.52 -11.67
C ASN B 136 -2.67 12.13 -10.42
N GLY B 137 -3.71 11.31 -10.65
CA GLY B 137 -4.62 10.82 -9.63
C GLY B 137 -5.79 10.05 -10.20
N LYS B 138 -6.66 9.53 -9.34
CA LYS B 138 -7.81 8.76 -9.81
C LYS B 138 -8.80 9.78 -10.33
N ILE B 139 -9.13 9.67 -11.65
CA ILE B 139 -10.07 10.54 -12.37
C ILE B 139 -11.46 10.35 -11.78
N THR B 140 -12.04 11.47 -11.28
CA THR B 140 -13.34 11.45 -10.61
C THR B 140 -14.48 11.93 -11.53
N GLY B 141 -14.13 12.28 -12.77
CA GLY B 141 -15.06 12.77 -13.77
C GLY B 141 -14.46 13.73 -14.76
N TYR B 142 -15.27 14.21 -15.73
CA TYR B 142 -14.91 15.16 -16.78
C TYR B 142 -15.96 16.25 -16.86
N ILE B 143 -15.68 17.33 -17.57
CA ILE B 143 -16.63 18.40 -17.85
C ILE B 143 -16.55 18.66 -19.34
N ILE B 144 -17.67 18.53 -20.03
CA ILE B 144 -17.78 18.82 -21.45
C ILE B 144 -18.33 20.24 -21.55
N TYR B 145 -17.76 21.03 -22.46
CA TYR B 145 -18.24 22.39 -22.72
C TYR B 145 -18.62 22.44 -24.19
N TYR B 146 -19.76 23.07 -24.49
CA TYR B 146 -20.18 23.27 -25.86
C TYR B 146 -20.78 24.64 -26.12
N SER B 147 -20.53 25.13 -27.32
CA SER B 147 -21.02 26.41 -27.77
C SER B 147 -21.24 26.35 -29.26
N THR B 148 -22.05 27.29 -29.77
CA THR B 148 -22.30 27.46 -31.19
C THR B 148 -21.39 28.59 -31.72
N ASP B 149 -20.71 29.31 -30.80
CA ASP B 149 -19.72 30.38 -31.04
C ASP B 149 -18.41 29.92 -30.38
N VAL B 150 -17.42 29.60 -31.20
CA VAL B 150 -16.11 29.11 -30.75
C VAL B 150 -15.38 30.23 -29.99
N ASN B 151 -15.69 31.48 -30.35
CA ASN B 151 -15.10 32.66 -29.76
C ASN B 151 -15.75 33.11 -28.46
N ALA B 152 -16.89 32.51 -28.07
CA ALA B 152 -17.60 32.82 -26.83
C ALA B 152 -16.73 32.56 -25.62
N GLU B 153 -16.92 33.37 -24.56
CA GLU B 153 -16.17 33.23 -23.30
C GLU B 153 -16.71 31.99 -22.59
N ILE B 154 -15.82 31.28 -21.87
CA ILE B 154 -16.14 30.01 -21.19
C ILE B 154 -17.39 30.01 -20.31
N HIS B 155 -17.70 31.18 -19.72
CA HIS B 155 -18.90 31.34 -18.90
C HIS B 155 -20.19 31.16 -19.73
N ASP B 156 -20.14 31.53 -21.03
CA ASP B 156 -21.26 31.42 -21.96
C ASP B 156 -21.39 30.05 -22.58
N TRP B 157 -20.36 29.20 -22.43
CA TRP B 157 -20.35 27.82 -22.92
C TRP B 157 -21.25 26.97 -22.01
N VAL B 158 -21.98 26.01 -22.60
CA VAL B 158 -22.89 25.11 -21.87
C VAL B 158 -22.05 24.03 -21.17
N ILE B 159 -22.20 23.90 -19.85
CA ILE B 159 -21.46 22.90 -19.06
C ILE B 159 -22.28 21.59 -18.98
N GLU B 160 -21.65 20.47 -19.40
CA GLU B 160 -22.21 19.12 -19.36
C GLU B 160 -21.26 18.27 -18.49
N PRO B 161 -21.53 18.10 -17.18
CA PRO B 161 -20.63 17.30 -16.34
C PRO B 161 -20.74 15.80 -16.59
N VAL B 162 -19.64 15.06 -16.34
CA VAL B 162 -19.55 13.61 -16.54
C VAL B 162 -19.04 13.06 -15.23
N VAL B 163 -19.86 12.32 -14.52
CA VAL B 163 -19.49 11.77 -13.21
C VAL B 163 -18.72 10.43 -13.31
N GLY B 164 -17.51 10.41 -12.78
CA GLY B 164 -16.64 9.24 -12.77
C GLY B 164 -15.81 9.06 -14.01
N ASN B 165 -15.03 7.95 -14.07
CA ASN B 165 -14.23 7.64 -15.25
C ASN B 165 -15.13 6.94 -16.30
N ARG B 166 -15.84 7.77 -17.06
CA ARG B 166 -16.73 7.42 -18.16
C ARG B 166 -16.07 8.14 -19.33
N LEU B 167 -15.98 7.47 -20.48
CA LEU B 167 -15.30 8.03 -21.63
C LEU B 167 -16.23 8.34 -22.78
N THR B 168 -17.52 8.21 -22.54
CA THR B 168 -18.60 8.44 -23.48
C THR B 168 -19.71 9.23 -22.83
N HIS B 169 -20.37 10.09 -23.59
CA HIS B 169 -21.47 10.91 -23.05
C HIS B 169 -22.36 11.40 -24.16
N GLN B 170 -23.66 11.23 -24.00
CA GLN B 170 -24.69 11.62 -24.98
C GLN B 170 -25.29 13.00 -24.67
N ILE B 171 -25.44 13.86 -25.69
CA ILE B 171 -26.02 15.21 -25.55
C ILE B 171 -27.19 15.33 -26.50
N GLN B 172 -28.37 15.64 -25.97
CA GLN B 172 -29.61 15.77 -26.75
C GLN B 172 -30.06 17.23 -26.94
N GLU B 173 -31.25 17.42 -27.57
CA GLU B 173 -31.92 18.71 -27.81
C GLU B 173 -31.07 19.75 -28.59
N LEU B 174 -30.10 19.29 -29.40
CA LEU B 174 -29.31 20.22 -30.19
C LEU B 174 -30.06 20.68 -31.44
N THR B 175 -29.55 21.73 -32.07
CA THR B 175 -30.13 22.33 -33.28
C THR B 175 -29.52 21.70 -34.52
N LEU B 176 -30.35 21.46 -35.54
CA LEU B 176 -29.94 20.85 -36.80
C LEU B 176 -29.17 21.80 -37.70
N ASP B 177 -28.33 21.24 -38.61
CA ASP B 177 -27.50 21.97 -39.57
C ASP B 177 -26.71 23.10 -38.89
N THR B 178 -26.06 22.78 -37.76
CA THR B 178 -25.36 23.79 -36.99
C THR B 178 -24.01 23.31 -36.51
N PRO B 179 -22.93 24.11 -36.70
CA PRO B 179 -21.63 23.75 -36.10
C PRO B 179 -21.66 24.05 -34.60
N TYR B 180 -21.32 23.02 -33.82
CA TYR B 180 -21.19 23.04 -32.38
C TYR B 180 -19.70 22.78 -32.10
N TYR B 181 -19.19 23.32 -30.99
CA TYR B 181 -17.79 23.21 -30.58
C TYR B 181 -17.67 22.51 -29.24
N PHE B 182 -16.68 21.63 -29.07
CA PHE B 182 -16.54 20.84 -27.86
C PHE B 182 -15.17 20.86 -27.18
N LYS B 183 -15.18 21.22 -25.88
CA LYS B 183 -13.97 21.17 -25.05
C LYS B 183 -14.25 20.23 -23.90
N ILE B 184 -13.29 19.37 -23.55
CA ILE B 184 -13.43 18.47 -22.42
C ILE B 184 -12.26 18.70 -21.48
N GLN B 185 -12.52 18.62 -20.17
CA GLN B 185 -11.49 18.71 -19.15
C GLN B 185 -11.69 17.63 -18.10
N ALA B 186 -10.60 17.09 -17.58
CA ALA B 186 -10.64 16.02 -16.59
C ALA B 186 -10.60 16.58 -15.18
N ARG B 187 -11.15 15.79 -14.25
CA ARG B 187 -11.17 16.09 -12.82
C ARG B 187 -10.64 14.91 -12.04
N ASN B 188 -10.00 15.21 -10.92
CA ASN B 188 -9.57 14.26 -9.92
C ASN B 188 -9.82 14.93 -8.55
N SER B 189 -9.60 14.20 -7.43
CA SER B 189 -9.81 14.75 -6.08
C SER B 189 -9.20 16.15 -5.83
N LYS B 190 -8.06 16.46 -6.50
CA LYS B 190 -7.30 17.71 -6.32
C LYS B 190 -7.79 18.92 -7.12
N GLY B 191 -8.58 18.67 -8.15
CA GLY B 191 -9.13 19.73 -8.98
C GLY B 191 -9.25 19.37 -10.45
N MET B 192 -9.33 20.42 -11.30
CA MET B 192 -9.50 20.29 -12.75
C MET B 192 -8.20 20.43 -13.49
N GLY B 193 -8.10 19.74 -14.61
CA GLY B 193 -6.93 19.83 -15.47
C GLY B 193 -7.14 20.71 -16.68
N PRO B 194 -6.18 20.78 -17.60
CA PRO B 194 -6.37 21.55 -18.83
C PRO B 194 -7.46 20.99 -19.75
N MET B 195 -7.96 21.81 -20.64
CA MET B 195 -9.00 21.44 -21.60
C MET B 195 -8.44 21.02 -22.90
N SER B 196 -9.17 20.16 -23.58
CA SER B 196 -8.84 19.71 -24.92
C SER B 196 -8.96 20.91 -25.90
N GLU B 197 -8.32 20.80 -27.08
CA GLU B 197 -8.53 21.80 -28.11
C GLU B 197 -9.93 21.50 -28.64
N ALA B 198 -10.72 22.57 -28.89
CA ALA B 198 -12.07 22.41 -29.36
C ALA B 198 -12.14 21.59 -30.63
N VAL B 199 -13.11 20.68 -30.67
CA VAL B 199 -13.43 19.78 -31.77
C VAL B 199 -14.75 20.31 -32.32
N GLN B 200 -14.83 20.44 -33.64
CA GLN B 200 -16.06 20.91 -34.25
C GLN B 200 -16.90 19.79 -34.86
N PHE B 201 -18.22 19.90 -34.70
CA PHE B 201 -19.15 18.95 -35.26
C PHE B 201 -20.38 19.70 -35.78
N ARG B 202 -20.75 19.46 -37.05
CA ARG B 202 -21.95 20.06 -37.58
C ARG B 202 -23.05 19.02 -37.55
N THR B 203 -24.16 19.36 -36.87
CA THR B 203 -25.33 18.51 -36.76
C THR B 203 -25.97 18.34 -38.14
N PRO B 204 -26.58 17.17 -38.44
CA PRO B 204 -27.16 16.98 -39.78
C PRO B 204 -28.36 17.86 -40.10
C1 NAG C . -18.32 7.35 16.16
C2 NAG C . -18.78 5.91 16.07
C3 NAG C . -19.94 5.85 15.08
C4 NAG C . -21.08 6.76 15.55
C5 NAG C . -20.58 8.16 15.87
C6 NAG C . -21.58 9.06 16.57
C7 NAG C . -17.50 3.82 16.36
C8 NAG C . -16.47 2.92 15.77
N2 NAG C . -17.74 4.97 15.70
O3 NAG C . -20.41 4.51 14.94
O4 NAG C . -22.09 6.84 14.54
O5 NAG C . -19.42 8.09 16.72
O6 NAG C . -21.64 8.82 17.97
O7 NAG C . -18.11 3.52 17.39
C1 NAG D . 26.83 8.83 0.95
C2 NAG D . 26.70 8.62 -0.56
C3 NAG D . 27.38 7.26 -0.72
C4 NAG D . 28.88 7.39 -0.44
C5 NAG D . 29.12 8.03 0.93
C6 NAG D . 30.52 8.59 1.09
C7 NAG D . 24.77 9.67 -1.67
C8 NAG D . 23.62 9.38 -2.60
N2 NAG D . 25.35 8.59 -1.10
O3 NAG D . 27.14 6.69 -2.01
O4 NAG D . 29.50 6.11 -0.51
O5 NAG D . 28.22 9.13 1.15
O6 NAG D . 30.60 9.46 2.22
O7 NAG D . 25.17 10.81 -1.48
#